data_1Q7F
#
_entry.id   1Q7F
#
_cell.length_a   45.770
_cell.length_b   94.580
_cell.length_c   130.500
_cell.angle_alpha   90.00
_cell.angle_beta   90.00
_cell.angle_gamma   90.00
#
_symmetry.space_group_name_H-M   'P 21 21 21'
#
loop_
_entity.id
_entity.type
_entity.pdbx_description
1 polymer 'brain tumor CG10719-PA'
2 water water
#
_entity_poly.entity_id   1
_entity_poly.type   'polypeptide(L)'
_entity_poly.pdbx_seq_one_letter_code
;GTHMKSQIKRQRMIYHCKFGEFGVMEGQFTEPSGVAVNAQNDIIVADTNNHRIQIFDKEGRFKFQFGECGKRDSQLLYPN
RVAVVRNSGDIIVTERSPTHQIQIYNQYGQFVRKFGATILQHPRGVTVDNKGRIIVVECKVMRVIIFDQNGNVLHKFGCS
KHLEFPNGVVVNDKQEIFISDNRAHCVKVFNYEGQYLRQIGGEGITNYPIGVGINSNGEILIADNHNNFNLTIFTQDGQL
ISALESKVKHAQCFDVALMDDGSVVLASKDYRLYIYRYVQLAPVGM
;
_entity_poly.pdbx_strand_id   A,B
#
# COMPACT_ATOMS: atom_id res chain seq x y z
N ILE A 8 23.43 -6.21 2.80
CA ILE A 8 23.59 -6.00 1.33
C ILE A 8 23.63 -4.50 1.02
N LYS A 9 24.84 -3.98 0.84
CA LYS A 9 24.99 -2.56 0.54
C LYS A 9 24.76 -2.28 -0.94
N ARG A 10 24.18 -1.13 -1.23
CA ARG A 10 23.90 -0.76 -2.61
C ARG A 10 24.53 0.58 -2.97
N GLN A 11 24.91 0.72 -4.23
CA GLN A 11 25.51 1.93 -4.72
C GLN A 11 24.42 3.00 -4.80
N ARG A 12 24.79 4.25 -4.57
CA ARG A 12 23.83 5.34 -4.63
C ARG A 12 23.59 5.73 -6.08
N MET A 13 22.33 5.99 -6.44
CA MET A 13 21.99 6.40 -7.80
C MET A 13 21.09 7.62 -7.73
N ILE A 14 21.16 8.47 -8.76
CA ILE A 14 20.35 9.68 -8.81
C ILE A 14 19.89 9.91 -10.24
N TYR A 15 18.65 10.34 -10.42
CA TYR A 15 18.15 10.58 -11.76
C TYR A 15 18.77 11.80 -12.42
N HIS A 16 18.98 11.73 -13.73
CA HIS A 16 19.57 12.83 -14.47
C HIS A 16 18.50 13.56 -15.28
N CYS A 17 17.28 13.05 -15.23
CA CYS A 17 16.19 13.67 -15.96
C CYS A 17 14.85 13.31 -15.38
N LYS A 18 13.94 14.29 -15.36
CA LYS A 18 12.59 14.07 -14.88
C LYS A 18 11.67 15.00 -15.67
N PHE A 19 10.55 14.47 -16.13
CA PHE A 19 9.62 15.28 -16.90
C PHE A 19 8.19 14.93 -16.54
N GLY A 20 7.29 15.86 -16.81
CA GLY A 20 5.89 15.65 -16.51
C GLY A 20 5.39 16.57 -15.40
N GLU A 21 4.08 16.75 -15.37
CA GLU A 21 3.42 17.57 -14.37
C GLU A 21 1.94 17.29 -14.54
N PHE A 22 1.14 17.59 -13.53
CA PHE A 22 -0.28 17.34 -13.61
C PHE A 22 -0.91 18.13 -14.77
N GLY A 23 -1.89 17.52 -15.44
CA GLY A 23 -2.55 18.20 -16.54
C GLY A 23 -3.18 17.32 -17.59
N VAL A 24 -3.75 17.97 -18.60
CA VAL A 24 -4.40 17.29 -19.70
C VAL A 24 -3.75 17.65 -21.03
N MET A 25 -2.85 18.63 -21.00
CA MET A 25 -2.15 19.08 -22.20
C MET A 25 -0.93 18.21 -22.50
N GLU A 26 -0.30 18.49 -23.64
CA GLU A 26 0.88 17.73 -24.05
C GLU A 26 1.93 17.74 -22.95
N GLY A 27 2.54 16.59 -22.71
CA GLY A 27 3.58 16.54 -21.69
C GLY A 27 3.11 16.57 -20.25
N GLN A 28 1.79 16.61 -20.06
CA GLN A 28 1.23 16.61 -18.70
C GLN A 28 0.52 15.28 -18.51
N PHE A 29 0.33 14.87 -17.25
CA PHE A 29 -0.30 13.59 -16.97
C PHE A 29 -1.34 13.65 -15.84
N THR A 30 -2.19 12.63 -15.82
CA THR A 30 -3.18 12.47 -14.77
C THR A 30 -2.72 11.23 -14.01
N GLU A 31 -2.24 10.23 -14.75
CA GLU A 31 -1.77 8.98 -14.16
C GLU A 31 -0.90 8.15 -15.12
N PRO A 32 0.43 8.30 -15.04
CA PRO A 32 1.31 7.52 -15.93
C PRO A 32 1.40 6.10 -15.39
N SER A 33 0.42 5.28 -15.76
CA SER A 33 0.31 3.91 -15.29
C SER A 33 1.23 2.90 -15.96
N GLY A 34 1.56 3.14 -17.22
CA GLY A 34 2.44 2.23 -17.92
C GLY A 34 3.50 2.96 -18.71
N VAL A 35 4.64 2.33 -18.89
CA VAL A 35 5.74 2.92 -19.64
C VAL A 35 6.51 1.82 -20.34
N ALA A 36 6.95 2.13 -21.57
CA ALA A 36 7.70 1.21 -22.40
C ALA A 36 8.66 2.07 -23.22
N VAL A 37 9.65 1.42 -23.84
CA VAL A 37 10.67 2.11 -24.63
C VAL A 37 10.85 1.38 -25.96
N ASN A 38 10.99 2.12 -27.06
CA ASN A 38 11.17 1.48 -28.36
C ASN A 38 12.66 1.38 -28.70
N ALA A 39 12.97 0.86 -29.89
CA ALA A 39 14.36 0.70 -30.30
C ALA A 39 15.17 1.99 -30.41
N GLN A 40 14.49 3.13 -30.51
CA GLN A 40 15.18 4.41 -30.62
C GLN A 40 15.27 5.05 -29.25
N ASN A 41 14.82 4.32 -28.23
CA ASN A 41 14.83 4.78 -26.85
C ASN A 41 13.78 5.86 -26.59
N ASP A 42 12.75 5.92 -27.44
CA ASP A 42 11.67 6.87 -27.21
C ASP A 42 10.92 6.30 -26.01
N ILE A 43 10.34 7.18 -25.20
CA ILE A 43 9.60 6.77 -24.01
C ILE A 43 8.10 6.84 -24.29
N ILE A 44 7.43 5.68 -24.27
CA ILE A 44 6.00 5.58 -24.54
C ILE A 44 5.26 5.42 -23.20
N VAL A 45 4.26 6.27 -22.98
CA VAL A 45 3.52 6.27 -21.71
C VAL A 45 2.00 6.22 -21.78
N ALA A 46 1.41 5.36 -20.95
CA ALA A 46 -0.04 5.23 -20.87
C ALA A 46 -0.55 6.26 -19.84
N ASP A 47 -1.22 7.30 -20.33
CA ASP A 47 -1.77 8.39 -19.51
C ASP A 47 -3.25 8.05 -19.27
N THR A 48 -3.46 7.12 -18.34
CA THR A 48 -4.77 6.57 -18.02
C THR A 48 -6.01 7.45 -17.97
N ASN A 49 -6.03 8.46 -17.11
CA ASN A 49 -7.22 9.30 -17.02
C ASN A 49 -7.37 10.34 -18.12
N ASN A 50 -6.46 10.31 -19.08
CA ASN A 50 -6.54 11.21 -20.23
C ASN A 50 -6.79 10.34 -21.46
N HIS A 51 -6.98 9.04 -21.20
CA HIS A 51 -7.26 8.07 -22.27
C HIS A 51 -6.40 8.29 -23.50
N ARG A 52 -5.09 8.36 -23.27
CA ARG A 52 -4.15 8.60 -24.36
C ARG A 52 -2.78 8.01 -24.10
N ILE A 53 -1.99 7.90 -25.16
CA ILE A 53 -0.63 7.40 -25.10
C ILE A 53 0.25 8.57 -25.51
N GLN A 54 1.26 8.88 -24.71
CA GLN A 54 2.16 9.97 -25.03
C GLN A 54 3.56 9.45 -25.33
N ILE A 55 4.20 10.01 -26.35
CA ILE A 55 5.53 9.58 -26.74
C ILE A 55 6.53 10.72 -26.56
N PHE A 56 7.66 10.41 -25.95
CA PHE A 56 8.72 11.37 -25.68
C PHE A 56 10.04 10.79 -26.17
N ASP A 57 11.05 11.64 -26.37
CA ASP A 57 12.35 11.14 -26.79
C ASP A 57 13.12 10.67 -25.56
N LYS A 58 14.30 10.09 -25.77
CA LYS A 58 15.10 9.59 -24.66
C LYS A 58 15.47 10.66 -23.64
N GLU A 59 15.30 11.93 -24.01
CA GLU A 59 15.62 13.03 -23.11
C GLU A 59 14.40 13.62 -22.40
N GLY A 60 13.24 13.01 -22.61
CA GLY A 60 12.03 13.49 -21.96
C GLY A 60 11.28 14.58 -22.70
N ARG A 61 11.65 14.83 -23.95
CA ARG A 61 10.98 15.86 -24.74
C ARG A 61 9.79 15.26 -25.47
N PHE A 62 8.65 15.93 -25.37
CA PHE A 62 7.42 15.46 -26.01
C PHE A 62 7.52 15.38 -27.54
N LYS A 63 7.09 14.26 -28.09
CA LYS A 63 7.09 14.05 -29.54
C LYS A 63 5.67 14.14 -30.08
N PHE A 64 4.78 13.29 -29.56
CA PHE A 64 3.38 13.31 -29.99
C PHE A 64 2.51 12.38 -29.15
N GLN A 65 1.20 12.46 -29.36
CA GLN A 65 0.26 11.64 -28.61
C GLN A 65 -0.81 11.08 -29.53
N PHE A 66 -1.46 10.01 -29.07
CA PHE A 66 -2.54 9.43 -29.85
C PHE A 66 -3.54 8.77 -28.93
N GLY A 67 -4.77 8.65 -29.41
CA GLY A 67 -5.82 8.06 -28.62
C GLY A 67 -6.65 9.12 -27.92
N GLU A 68 -7.93 8.85 -27.74
CA GLU A 68 -8.84 9.76 -27.08
C GLU A 68 -9.93 8.91 -26.43
N CYS A 69 -10.59 9.46 -25.42
CA CYS A 69 -11.64 8.72 -24.74
C CYS A 69 -12.70 8.19 -25.70
N GLY A 70 -12.99 6.90 -25.62
CA GLY A 70 -14.01 6.35 -26.49
C GLY A 70 -13.89 4.87 -26.76
N LYS A 71 -14.92 4.33 -27.41
CA LYS A 71 -14.97 2.93 -27.76
C LYS A 71 -15.19 2.82 -29.26
N ARG A 72 -14.21 3.30 -30.01
CA ARG A 72 -14.24 3.27 -31.48
C ARG A 72 -12.78 3.24 -31.91
N ASP A 73 -12.52 2.74 -33.12
CA ASP A 73 -11.15 2.67 -33.61
C ASP A 73 -10.36 3.94 -33.33
N SER A 74 -9.18 3.78 -32.76
CA SER A 74 -8.29 4.89 -32.41
C SER A 74 -8.66 5.56 -31.08
N GLN A 75 -9.66 5.02 -30.40
CA GLN A 75 -10.07 5.57 -29.11
C GLN A 75 -9.68 4.60 -28.01
N LEU A 76 -9.41 5.14 -26.82
CA LEU A 76 -9.00 4.33 -25.68
C LEU A 76 -9.89 4.65 -24.48
N LEU A 77 -9.94 3.71 -23.54
CA LEU A 77 -10.73 3.89 -22.33
C LEU A 77 -9.89 3.40 -21.15
N TYR A 78 -9.34 4.33 -20.38
CA TYR A 78 -8.51 4.00 -19.24
C TYR A 78 -7.37 3.06 -19.57
N PRO A 79 -6.49 3.50 -20.48
CA PRO A 79 -5.35 2.66 -20.85
C PRO A 79 -4.38 2.54 -19.68
N ASN A 80 -3.98 1.31 -19.39
CA ASN A 80 -3.02 1.04 -18.32
C ASN A 80 -2.01 0.10 -18.96
N ARG A 81 -0.72 0.38 -18.83
CA ARG A 81 0.27 -0.54 -19.41
C ARG A 81 0.43 -0.53 -20.93
N VAL A 82 1.69 -0.58 -21.34
CA VAL A 82 2.05 -0.60 -22.74
C VAL A 82 3.34 -1.40 -22.91
N ALA A 83 3.53 -1.87 -24.13
CA ALA A 83 4.72 -2.63 -24.50
C ALA A 83 4.99 -2.27 -25.95
N VAL A 84 6.21 -2.53 -26.40
CA VAL A 84 6.60 -2.23 -27.77
C VAL A 84 7.11 -3.48 -28.49
N VAL A 85 6.76 -3.59 -29.77
CA VAL A 85 7.23 -4.70 -30.60
C VAL A 85 8.51 -4.10 -31.16
N ARG A 86 9.64 -4.52 -30.58
CA ARG A 86 10.95 -3.98 -30.96
C ARG A 86 11.29 -3.83 -32.44
N ASN A 87 11.05 -4.87 -33.23
CA ASN A 87 11.38 -4.85 -34.64
C ASN A 87 10.53 -3.92 -35.51
N SER A 88 9.28 -3.69 -35.12
CA SER A 88 8.40 -2.84 -35.91
C SER A 88 8.11 -1.47 -35.32
N GLY A 89 8.26 -1.34 -34.01
CA GLY A 89 7.97 -0.06 -33.37
C GLY A 89 6.50 0.01 -33.01
N ASP A 90 5.76 -1.06 -33.30
CA ASP A 90 4.33 -1.12 -32.97
C ASP A 90 4.16 -1.01 -31.46
N ILE A 91 3.07 -0.37 -31.05
CA ILE A 91 2.78 -0.16 -29.65
C ILE A 91 1.56 -0.97 -29.19
N ILE A 92 1.79 -1.84 -28.20
CA ILE A 92 0.72 -2.66 -27.65
C ILE A 92 0.16 -1.94 -26.42
N VAL A 93 -1.15 -1.80 -26.35
CA VAL A 93 -1.79 -1.14 -25.23
C VAL A 93 -2.86 -2.04 -24.60
N THR A 94 -2.98 -1.98 -23.27
CA THR A 94 -4.01 -2.75 -22.58
C THR A 94 -4.91 -1.74 -21.89
N GLU A 95 -6.21 -2.05 -21.85
CA GLU A 95 -7.18 -1.18 -21.21
C GLU A 95 -7.68 -1.88 -19.94
N ARG A 96 -7.79 -1.08 -18.88
CA ARG A 96 -8.20 -1.55 -17.57
C ARG A 96 -9.47 -2.39 -17.50
N SER A 97 -9.49 -3.25 -16.49
CA SER A 97 -10.58 -4.19 -16.19
C SER A 97 -11.90 -3.97 -16.89
N PRO A 98 -12.56 -2.83 -16.65
CA PRO A 98 -13.84 -2.66 -17.34
C PRO A 98 -13.75 -3.04 -18.82
N THR A 99 -12.85 -2.38 -19.55
CA THR A 99 -12.66 -2.68 -20.97
C THR A 99 -11.42 -3.56 -21.16
N HIS A 100 -11.32 -4.60 -20.35
CA HIS A 100 -10.20 -5.52 -20.40
C HIS A 100 -9.91 -6.05 -21.80
N GLN A 101 -9.08 -5.33 -22.56
CA GLN A 101 -8.70 -5.76 -23.91
C GLN A 101 -7.38 -5.10 -24.28
N ILE A 102 -6.83 -5.49 -25.43
CA ILE A 102 -5.59 -4.88 -25.85
C ILE A 102 -5.78 -4.29 -27.24
N GLN A 103 -5.01 -3.25 -27.51
CA GLN A 103 -5.06 -2.58 -28.80
C GLN A 103 -3.64 -2.44 -29.34
N ILE A 104 -3.54 -2.39 -30.67
CA ILE A 104 -2.25 -2.25 -31.33
C ILE A 104 -2.26 -1.04 -32.25
N TYR A 105 -1.22 -0.23 -32.14
CA TYR A 105 -1.05 0.97 -32.95
C TYR A 105 0.34 0.87 -33.54
N ASN A 106 0.57 1.47 -34.70
CA ASN A 106 1.92 1.41 -35.26
C ASN A 106 2.70 2.59 -34.69
N GLN A 107 3.96 2.71 -35.08
CA GLN A 107 4.82 3.76 -34.57
C GLN A 107 4.35 5.18 -34.87
N TYR A 108 3.40 5.32 -35.80
CA TYR A 108 2.89 6.63 -36.15
C TYR A 108 1.59 6.96 -35.40
N GLY A 109 1.13 6.04 -34.56
CA GLY A 109 -0.08 6.28 -33.82
C GLY A 109 -1.34 5.87 -34.58
N GLN A 110 -1.17 5.18 -35.71
CA GLN A 110 -2.30 4.72 -36.49
C GLN A 110 -2.82 3.42 -35.88
N PHE A 111 -4.13 3.33 -35.70
CA PHE A 111 -4.74 2.13 -35.11
C PHE A 111 -4.58 0.93 -36.05
N VAL A 112 -4.17 -0.20 -35.49
CA VAL A 112 -4.00 -1.43 -36.27
C VAL A 112 -5.15 -2.40 -36.02
N ARG A 113 -5.32 -2.82 -34.77
CA ARG A 113 -6.41 -3.75 -34.42
C ARG A 113 -6.60 -3.80 -32.89
N LYS A 114 -7.67 -4.46 -32.46
CA LYS A 114 -7.94 -4.63 -31.04
C LYS A 114 -8.59 -5.99 -30.85
N PHE A 115 -8.39 -6.59 -29.68
CA PHE A 115 -8.93 -7.90 -29.39
C PHE A 115 -8.78 -8.28 -27.91
N GLY A 116 -9.31 -9.43 -27.52
CA GLY A 116 -9.18 -9.89 -26.15
C GLY A 116 -10.22 -9.41 -25.15
N ALA A 117 -11.21 -8.67 -25.61
CA ALA A 117 -12.25 -8.15 -24.72
C ALA A 117 -13.06 -9.24 -24.03
N THR A 118 -13.14 -10.42 -24.63
CA THR A 118 -13.89 -11.51 -24.04
C THR A 118 -12.95 -12.57 -23.46
N ILE A 119 -11.67 -12.26 -23.44
CA ILE A 119 -10.66 -13.18 -22.93
C ILE A 119 -10.03 -12.64 -21.65
N LEU A 120 -9.64 -11.38 -21.69
CA LEU A 120 -9.00 -10.73 -20.55
C LEU A 120 -10.01 -10.33 -19.48
N GLN A 121 -9.51 -10.08 -18.28
CA GLN A 121 -10.35 -9.66 -17.15
C GLN A 121 -9.63 -8.57 -16.36
N HIS A 122 -8.46 -8.92 -15.83
CA HIS A 122 -7.68 -7.98 -15.04
C HIS A 122 -6.24 -7.87 -15.51
N PRO A 123 -6.03 -7.29 -16.71
CA PRO A 123 -4.65 -7.16 -17.19
C PRO A 123 -3.83 -6.25 -16.28
N ARG A 124 -2.66 -6.71 -15.84
CA ARG A 124 -1.81 -5.90 -14.97
C ARG A 124 -0.40 -5.76 -15.51
N GLY A 125 -0.07 -6.56 -16.51
CA GLY A 125 1.24 -6.51 -17.10
C GLY A 125 1.23 -7.03 -18.51
N VAL A 126 2.08 -6.45 -19.36
CA VAL A 126 2.14 -6.87 -20.75
C VAL A 126 3.55 -6.66 -21.32
N THR A 127 3.94 -7.54 -22.23
CA THR A 127 5.23 -7.47 -22.89
C THR A 127 5.18 -8.27 -24.18
N VAL A 128 6.21 -8.13 -25.02
CA VAL A 128 6.25 -8.84 -26.29
C VAL A 128 7.60 -9.57 -26.42
N ASP A 129 7.57 -10.82 -26.87
CA ASP A 129 8.81 -11.58 -27.03
C ASP A 129 9.38 -11.35 -28.43
N ASN A 130 10.57 -11.89 -28.70
CA ASN A 130 11.23 -11.70 -29.99
C ASN A 130 10.53 -12.32 -31.20
N LYS A 131 9.45 -13.06 -30.96
CA LYS A 131 8.72 -13.69 -32.05
C LYS A 131 7.39 -12.97 -32.28
N GLY A 132 7.23 -11.82 -31.61
CA GLY A 132 6.02 -11.05 -31.76
C GLY A 132 4.84 -11.48 -30.91
N ARG A 133 5.06 -12.45 -30.03
CA ARG A 133 3.98 -12.91 -29.17
C ARG A 133 3.76 -11.94 -28.02
N ILE A 134 2.49 -11.74 -27.68
CA ILE A 134 2.10 -10.81 -26.63
C ILE A 134 1.75 -11.55 -25.35
N ILE A 135 2.51 -11.30 -24.30
CA ILE A 135 2.28 -11.96 -23.02
C ILE A 135 1.58 -10.99 -22.06
N VAL A 136 0.47 -11.47 -21.49
CA VAL A 136 -0.31 -10.67 -20.54
C VAL A 136 -0.46 -11.41 -19.22
N VAL A 137 -0.24 -10.70 -18.12
CA VAL A 137 -0.39 -11.29 -16.80
C VAL A 137 -1.55 -10.60 -16.09
N GLU A 138 -2.40 -11.39 -15.42
CA GLU A 138 -3.54 -10.84 -14.72
C GLU A 138 -3.54 -11.12 -13.23
N CYS A 139 -4.10 -10.17 -12.47
CA CYS A 139 -4.18 -10.30 -11.02
C CYS A 139 -5.60 -10.68 -10.63
N LYS A 140 -5.84 -10.72 -9.33
CA LYS A 140 -7.16 -11.08 -8.80
C LYS A 140 -7.56 -12.52 -9.18
N VAL A 141 -6.90 -13.08 -10.18
CA VAL A 141 -7.21 -14.45 -10.60
C VAL A 141 -5.96 -15.17 -11.07
N MET A 142 -4.81 -14.53 -10.90
CA MET A 142 -3.53 -15.10 -11.30
C MET A 142 -3.63 -15.95 -12.55
N ARG A 143 -3.38 -15.34 -13.70
CA ARG A 143 -3.46 -16.03 -14.97
C ARG A 143 -2.53 -15.34 -15.97
N VAL A 144 -1.97 -16.13 -16.89
CA VAL A 144 -1.10 -15.60 -17.92
C VAL A 144 -1.69 -16.01 -19.27
N ILE A 145 -1.85 -15.04 -20.16
CA ILE A 145 -2.40 -15.29 -21.48
C ILE A 145 -1.39 -14.88 -22.55
N ILE A 146 -1.24 -15.69 -23.58
CA ILE A 146 -0.32 -15.38 -24.67
C ILE A 146 -1.09 -15.33 -25.99
N PHE A 147 -0.92 -14.22 -26.72
CA PHE A 147 -1.60 -14.01 -27.99
C PHE A 147 -0.58 -13.83 -29.09
N ASP A 148 -1.05 -13.84 -30.33
CA ASP A 148 -0.15 -13.56 -31.44
C ASP A 148 -0.60 -12.17 -31.91
N GLN A 149 0.17 -11.57 -32.82
CA GLN A 149 -0.12 -10.23 -33.33
C GLN A 149 -1.55 -10.06 -33.84
N ASN A 150 -2.14 -11.12 -34.36
CA ASN A 150 -3.50 -11.05 -34.89
C ASN A 150 -4.59 -11.20 -33.87
N GLY A 151 -4.21 -11.47 -32.61
CA GLY A 151 -5.20 -11.62 -31.56
C GLY A 151 -5.61 -13.04 -31.23
N ASN A 152 -4.92 -14.02 -31.79
CA ASN A 152 -5.23 -15.43 -31.52
C ASN A 152 -4.59 -15.86 -30.20
N VAL A 153 -5.35 -16.57 -29.37
CA VAL A 153 -4.82 -17.04 -28.09
C VAL A 153 -3.93 -18.23 -28.38
N LEU A 154 -2.63 -18.07 -28.13
CA LEU A 154 -1.68 -19.15 -28.37
C LEU A 154 -1.64 -20.08 -27.16
N HIS A 155 -1.90 -19.54 -25.98
CA HIS A 155 -1.92 -20.34 -24.76
C HIS A 155 -2.25 -19.44 -23.57
N LYS A 156 -2.59 -20.08 -22.47
CA LYS A 156 -2.89 -19.38 -21.24
C LYS A 156 -2.86 -20.40 -20.13
N PHE A 157 -2.46 -19.97 -18.94
CA PHE A 157 -2.39 -20.87 -17.82
C PHE A 157 -2.62 -20.11 -16.52
N GLY A 158 -3.14 -20.81 -15.53
CA GLY A 158 -3.38 -20.19 -14.24
C GLY A 158 -2.11 -20.34 -13.42
N CYS A 159 -1.99 -19.55 -12.36
CA CYS A 159 -0.81 -19.63 -11.50
C CYS A 159 -1.09 -19.11 -10.11
N SER A 160 -2.28 -19.41 -9.60
CA SER A 160 -2.70 -18.98 -8.27
C SER A 160 -1.86 -19.67 -7.19
N LYS A 161 -1.10 -20.69 -7.59
CA LYS A 161 -0.28 -21.44 -6.66
C LYS A 161 1.10 -20.82 -6.46
N HIS A 162 1.49 -19.93 -7.37
CA HIS A 162 2.80 -19.29 -7.28
C HIS A 162 2.78 -17.77 -7.32
N LEU A 163 1.63 -17.17 -7.56
CA LEU A 163 1.55 -15.71 -7.63
C LEU A 163 0.54 -15.07 -6.68
N GLU A 164 0.96 -13.97 -6.04
CA GLU A 164 0.09 -13.29 -5.08
C GLU A 164 -0.34 -11.86 -5.40
N PHE A 165 0.52 -11.06 -6.02
CA PHE A 165 0.17 -9.70 -6.41
C PHE A 165 1.08 -9.42 -7.59
N PRO A 166 0.76 -10.02 -8.74
CA PRO A 166 1.60 -9.80 -9.91
C PRO A 166 1.48 -8.36 -10.28
N ASN A 167 2.56 -7.73 -10.73
CA ASN A 167 2.46 -6.32 -11.09
C ASN A 167 3.42 -5.92 -12.20
N GLY A 168 4.06 -6.93 -12.81
CA GLY A 168 4.99 -6.65 -13.88
C GLY A 168 5.48 -7.90 -14.57
N VAL A 169 5.87 -7.78 -15.82
CA VAL A 169 6.36 -8.95 -16.54
C VAL A 169 7.25 -8.62 -17.75
N VAL A 170 8.31 -9.41 -17.91
CA VAL A 170 9.21 -9.29 -19.04
C VAL A 170 9.47 -10.72 -19.50
N VAL A 171 10.06 -10.87 -20.67
CA VAL A 171 10.36 -12.20 -21.18
C VAL A 171 11.71 -12.20 -21.84
N ASN A 172 12.31 -13.37 -21.95
CA ASN A 172 13.60 -13.47 -22.60
C ASN A 172 13.35 -14.17 -23.94
N ASP A 173 14.42 -14.68 -24.52
CA ASP A 173 14.36 -15.34 -25.82
C ASP A 173 14.50 -16.85 -25.69
N LYS A 174 13.98 -17.43 -24.61
CA LYS A 174 14.04 -18.87 -24.39
C LYS A 174 12.72 -19.33 -23.80
N GLN A 175 11.67 -18.57 -24.12
CA GLN A 175 10.33 -18.85 -23.63
C GLN A 175 10.23 -18.88 -22.10
N GLU A 176 10.86 -17.92 -21.43
CA GLU A 176 10.77 -17.82 -19.98
C GLU A 176 10.10 -16.48 -19.66
N ILE A 177 9.10 -16.55 -18.78
CA ILE A 177 8.34 -15.38 -18.36
C ILE A 177 8.74 -14.99 -16.94
N PHE A 178 9.16 -13.73 -16.78
CA PHE A 178 9.58 -13.20 -15.49
C PHE A 178 8.54 -12.25 -14.94
N ILE A 179 7.88 -12.65 -13.86
CA ILE A 179 6.84 -11.83 -13.25
C ILE A 179 7.21 -11.29 -11.87
N SER A 180 7.11 -9.99 -11.68
CA SER A 180 7.42 -9.41 -10.38
C SER A 180 6.20 -9.65 -9.50
N ASP A 181 6.44 -10.20 -8.31
CA ASP A 181 5.36 -10.50 -7.37
C ASP A 181 5.56 -9.63 -6.13
N ASN A 182 4.77 -8.57 -6.03
CA ASN A 182 4.87 -7.63 -4.92
C ASN A 182 4.88 -8.26 -3.53
N ARG A 183 3.95 -9.17 -3.26
CA ARG A 183 3.88 -9.76 -1.94
C ARG A 183 4.75 -10.98 -1.67
N ALA A 184 5.48 -11.42 -2.69
CA ALA A 184 6.36 -12.56 -2.54
C ALA A 184 7.80 -12.04 -2.46
N HIS A 185 7.95 -10.72 -2.53
CA HIS A 185 9.26 -10.07 -2.46
C HIS A 185 10.28 -10.65 -3.46
N CYS A 186 9.82 -10.95 -4.66
CA CYS A 186 10.70 -11.51 -5.69
C CYS A 186 10.03 -11.53 -7.05
N VAL A 187 10.73 -12.14 -8.00
CA VAL A 187 10.24 -12.33 -9.35
C VAL A 187 10.09 -13.84 -9.49
N LYS A 188 9.00 -14.26 -10.11
CA LYS A 188 8.71 -15.68 -10.32
C LYS A 188 8.94 -15.98 -11.80
N VAL A 189 9.62 -17.09 -12.10
CA VAL A 189 9.89 -17.45 -13.47
C VAL A 189 9.08 -18.67 -13.90
N PHE A 190 8.47 -18.59 -15.07
CA PHE A 190 7.66 -19.66 -15.62
C PHE A 190 8.06 -19.86 -17.08
N ASN A 191 7.60 -20.95 -17.68
CA ASN A 191 7.87 -21.18 -19.10
C ASN A 191 6.52 -21.04 -19.78
N TYR A 192 6.50 -21.01 -21.10
CA TYR A 192 5.25 -20.86 -21.85
C TYR A 192 4.20 -21.94 -21.55
N GLU A 193 4.63 -23.11 -21.10
CA GLU A 193 3.70 -24.18 -20.77
C GLU A 193 3.01 -23.88 -19.44
N GLY A 194 3.55 -22.89 -18.71
CA GLY A 194 2.97 -22.52 -17.44
C GLY A 194 3.61 -23.17 -16.22
N GLN A 195 4.78 -23.77 -16.42
CA GLN A 195 5.49 -24.44 -15.33
C GLN A 195 6.31 -23.44 -14.52
N TYR A 196 6.17 -23.49 -13.20
CA TYR A 196 6.97 -22.59 -12.35
C TYR A 196 8.38 -23.17 -12.42
N LEU A 197 9.37 -22.32 -12.66
CA LEU A 197 10.75 -22.79 -12.78
C LEU A 197 11.68 -22.40 -11.64
N ARG A 198 11.65 -21.14 -11.24
CA ARG A 198 12.52 -20.65 -10.17
C ARG A 198 12.16 -19.23 -9.81
N GLN A 199 12.79 -18.70 -8.77
CA GLN A 199 12.53 -17.32 -8.39
C GLN A 199 13.84 -16.52 -8.35
N ILE A 200 13.71 -15.22 -8.51
CA ILE A 200 14.84 -14.30 -8.52
C ILE A 200 14.60 -13.23 -7.45
N GLY A 201 15.60 -12.99 -6.61
CA GLY A 201 15.45 -12.02 -5.54
C GLY A 201 14.79 -12.69 -4.34
N GLY A 202 14.31 -11.89 -3.39
CA GLY A 202 13.67 -12.48 -2.23
C GLY A 202 13.60 -11.49 -1.08
N GLU A 203 12.91 -11.89 -0.01
CA GLU A 203 12.78 -11.04 1.17
C GLU A 203 14.16 -10.57 1.63
N GLY A 204 14.28 -9.27 1.87
CA GLY A 204 15.55 -8.71 2.30
C GLY A 204 16.44 -8.27 1.14
N ILE A 205 16.06 -8.64 -0.07
CA ILE A 205 16.85 -8.29 -1.25
C ILE A 205 16.01 -7.42 -2.18
N THR A 206 14.85 -7.96 -2.54
CA THR A 206 13.89 -7.27 -3.42
C THR A 206 12.54 -7.21 -2.70
N ASN A 207 12.45 -6.35 -1.68
CA ASN A 207 11.21 -6.19 -0.91
C ASN A 207 10.18 -5.40 -1.66
N TYR A 208 8.97 -5.94 -1.73
CA TYR A 208 7.84 -5.27 -2.36
C TYR A 208 8.15 -4.68 -3.74
N PRO A 209 8.50 -5.54 -4.70
CA PRO A 209 8.81 -5.10 -6.08
C PRO A 209 7.61 -4.33 -6.65
N ILE A 210 7.90 -3.30 -7.43
CA ILE A 210 6.88 -2.48 -8.06
C ILE A 210 6.95 -2.75 -9.56
N GLY A 211 7.96 -3.51 -9.98
CA GLY A 211 8.08 -3.81 -11.39
C GLY A 211 9.37 -4.53 -11.71
N VAL A 212 9.46 -5.01 -12.94
CA VAL A 212 10.65 -5.75 -13.38
C VAL A 212 10.99 -5.33 -14.81
N GLY A 213 12.29 -5.29 -15.10
CA GLY A 213 12.73 -4.94 -16.44
C GLY A 213 13.82 -5.91 -16.87
N ILE A 214 14.08 -5.95 -18.17
CA ILE A 214 15.13 -6.83 -18.69
C ILE A 214 16.08 -6.04 -19.60
N ASN A 215 17.37 -6.33 -19.44
CA ASN A 215 18.47 -5.69 -20.18
C ASN A 215 18.71 -6.19 -21.58
N SER A 216 19.39 -5.37 -22.38
CA SER A 216 19.74 -5.79 -23.73
C SER A 216 20.78 -6.89 -23.52
N ASN A 217 21.39 -6.90 -22.33
CA ASN A 217 22.39 -7.90 -21.97
C ASN A 217 21.72 -9.11 -21.34
N GLY A 218 20.40 -9.06 -21.27
CA GLY A 218 19.64 -10.17 -20.71
C GLY A 218 19.56 -10.19 -19.20
N GLU A 219 20.02 -9.13 -18.55
CA GLU A 219 19.99 -9.08 -17.10
C GLU A 219 18.58 -8.73 -16.60
N ILE A 220 18.21 -9.26 -15.45
CA ILE A 220 16.89 -9.01 -14.88
C ILE A 220 16.97 -7.92 -13.80
N LEU A 221 16.25 -6.82 -14.03
CA LEU A 221 16.23 -5.70 -13.11
C LEU A 221 14.96 -5.70 -12.28
N ILE A 222 15.09 -5.73 -10.97
CA ILE A 222 13.92 -5.71 -10.10
C ILE A 222 13.91 -4.38 -9.33
N ALA A 223 12.78 -3.68 -9.42
CA ALA A 223 12.63 -2.39 -8.77
C ALA A 223 11.63 -2.44 -7.62
N ASP A 224 11.82 -1.56 -6.65
CA ASP A 224 10.92 -1.47 -5.51
C ASP A 224 11.00 -0.05 -4.93
N ASN A 225 10.00 0.33 -4.16
CA ASN A 225 9.97 1.65 -3.54
C ASN A 225 9.61 1.42 -2.07
N HIS A 226 10.20 0.39 -1.45
CA HIS A 226 9.90 0.08 -0.06
C HIS A 226 10.43 1.01 1.07
N ASN A 227 11.59 1.62 0.83
CA ASN A 227 12.24 2.54 1.76
C ASN A 227 13.22 3.10 0.75
N ASN A 228 12.78 4.15 0.05
CA ASN A 228 13.57 4.76 -1.01
C ASN A 228 13.42 3.83 -2.22
N PHE A 229 13.75 4.35 -3.39
CA PHE A 229 13.68 3.58 -4.63
C PHE A 229 14.92 2.69 -4.70
N ASN A 230 14.73 1.41 -4.97
CA ASN A 230 15.83 0.47 -5.04
C ASN A 230 15.80 -0.35 -6.32
N LEU A 231 16.98 -0.65 -6.84
CA LEU A 231 17.11 -1.44 -8.06
C LEU A 231 18.11 -2.55 -7.76
N THR A 232 17.70 -3.78 -8.02
CA THR A 232 18.57 -4.93 -7.78
C THR A 232 18.66 -5.75 -9.07
N ILE A 233 19.89 -5.95 -9.55
CA ILE A 233 20.12 -6.64 -10.80
C ILE A 233 20.62 -8.07 -10.68
N PHE A 234 19.99 -8.95 -11.45
CA PHE A 234 20.33 -10.37 -11.43
C PHE A 234 20.48 -10.97 -12.82
N THR A 235 21.11 -12.14 -12.88
CA THR A 235 21.27 -12.85 -14.13
C THR A 235 19.95 -13.57 -14.25
N GLN A 236 19.66 -14.17 -15.39
CA GLN A 236 18.42 -14.92 -15.58
C GLN A 236 18.35 -16.13 -14.68
N ASP A 237 19.50 -16.57 -14.16
CA ASP A 237 19.54 -17.73 -13.28
C ASP A 237 19.32 -17.36 -11.81
N GLY A 238 19.23 -16.07 -11.53
CA GLY A 238 18.99 -15.63 -10.17
C GLY A 238 20.21 -15.15 -9.38
N GLN A 239 21.35 -15.04 -10.06
CA GLN A 239 22.57 -14.60 -9.41
C GLN A 239 22.68 -13.07 -9.30
N LEU A 240 22.79 -12.59 -8.06
CA LEU A 240 22.90 -11.15 -7.81
C LEU A 240 24.18 -10.55 -8.42
N ILE A 241 24.01 -9.50 -9.21
CA ILE A 241 25.15 -8.84 -9.85
C ILE A 241 25.38 -7.40 -9.40
N SER A 242 24.31 -6.65 -9.18
CA SER A 242 24.42 -5.26 -8.75
C SER A 242 23.25 -4.84 -7.85
N ALA A 243 23.44 -3.79 -7.05
CA ALA A 243 22.40 -3.29 -6.16
C ALA A 243 22.53 -1.78 -6.00
N LEU A 244 21.46 -1.05 -6.33
CA LEU A 244 21.48 0.40 -6.26
C LEU A 244 20.32 0.92 -5.40
N GLU A 245 20.42 2.18 -4.99
CA GLU A 245 19.39 2.83 -4.20
C GLU A 245 19.42 4.34 -4.43
N SER A 246 18.26 4.95 -4.52
CA SER A 246 18.16 6.40 -4.70
C SER A 246 18.11 7.02 -3.31
N LYS A 247 18.61 8.23 -3.18
CA LYS A 247 18.61 8.91 -1.89
C LYS A 247 17.28 9.61 -1.67
N VAL A 248 16.33 9.34 -2.55
CA VAL A 248 15.02 9.96 -2.46
C VAL A 248 13.90 8.94 -2.54
N LYS A 249 12.84 9.17 -1.78
CA LYS A 249 11.68 8.29 -1.79
C LYS A 249 10.69 8.90 -2.75
N HIS A 250 10.23 8.10 -3.71
CA HIS A 250 9.29 8.57 -4.72
C HIS A 250 7.85 8.38 -4.32
N ALA A 251 6.95 8.98 -5.09
CA ALA A 251 5.52 8.84 -4.87
C ALA A 251 5.23 7.43 -5.39
N GLN A 252 4.07 6.87 -5.05
CA GLN A 252 3.75 5.51 -5.51
C GLN A 252 4.23 5.34 -6.95
N CYS A 253 5.06 4.32 -7.17
CA CYS A 253 5.60 4.04 -8.49
C CYS A 253 4.77 3.01 -9.22
N PHE A 254 4.47 3.29 -10.49
CA PHE A 254 3.66 2.37 -11.29
C PHE A 254 4.34 1.36 -12.17
N ASP A 255 5.46 1.73 -12.79
CA ASP A 255 6.07 0.83 -13.73
C ASP A 255 7.50 1.29 -14.02
N VAL A 256 8.27 0.43 -14.68
CA VAL A 256 9.65 0.76 -15.05
C VAL A 256 9.90 0.22 -16.44
N ALA A 257 10.86 0.81 -17.13
CA ALA A 257 11.21 0.38 -18.47
C ALA A 257 12.69 0.63 -18.71
N LEU A 258 13.33 -0.29 -19.41
CA LEU A 258 14.75 -0.19 -19.72
C LEU A 258 15.08 0.51 -21.03
N MET A 259 16.14 1.30 -20.99
CA MET A 259 16.64 1.99 -22.16
C MET A 259 18.02 1.38 -22.39
N ASP A 260 18.44 1.22 -23.64
CA ASP A 260 19.77 0.68 -23.86
C ASP A 260 20.78 1.81 -23.81
N ASP A 261 21.60 1.78 -22.76
CA ASP A 261 22.65 2.75 -22.47
C ASP A 261 22.77 2.84 -20.96
N GLY A 262 22.28 1.79 -20.29
CA GLY A 262 22.35 1.73 -18.84
C GLY A 262 21.38 2.60 -18.09
N SER A 263 20.20 2.81 -18.66
CA SER A 263 19.19 3.64 -18.02
C SER A 263 17.88 2.90 -17.80
N VAL A 264 17.08 3.42 -16.86
CA VAL A 264 15.79 2.86 -16.54
C VAL A 264 14.85 4.05 -16.33
N VAL A 265 13.61 3.93 -16.80
CA VAL A 265 12.63 4.99 -16.64
C VAL A 265 11.61 4.54 -15.60
N LEU A 266 11.28 5.45 -14.69
CA LEU A 266 10.33 5.18 -13.62
C LEU A 266 9.13 6.14 -13.75
N ALA A 267 7.93 5.58 -13.69
CA ALA A 267 6.70 6.37 -13.78
C ALA A 267 6.02 6.35 -12.41
N SER A 268 5.65 7.52 -11.90
CA SER A 268 5.03 7.57 -10.58
C SER A 268 3.78 8.44 -10.48
N LYS A 269 3.06 8.24 -9.38
CA LYS A 269 1.83 8.94 -9.10
C LYS A 269 1.97 10.45 -9.00
N ASP A 270 3.19 10.95 -8.88
CA ASP A 270 3.38 12.39 -8.79
C ASP A 270 3.41 13.06 -10.16
N TYR A 271 2.76 12.42 -11.13
CA TYR A 271 2.63 12.95 -12.49
C TYR A 271 3.96 13.13 -13.23
N ARG A 272 4.96 12.36 -12.84
CA ARG A 272 6.26 12.48 -13.46
C ARG A 272 6.93 11.15 -13.77
N LEU A 273 7.94 11.22 -14.62
CA LEU A 273 8.74 10.06 -14.97
C LEU A 273 10.16 10.48 -14.69
N TYR A 274 10.93 9.59 -14.08
CA TYR A 274 12.32 9.90 -13.75
C TYR A 274 13.23 8.90 -14.47
N ILE A 275 14.35 9.39 -14.98
CA ILE A 275 15.30 8.52 -15.67
C ILE A 275 16.53 8.32 -14.79
N TYR A 276 16.82 7.07 -14.44
CA TYR A 276 17.94 6.74 -13.59
C TYR A 276 19.03 5.95 -14.30
N ARG A 277 20.28 6.38 -14.08
CA ARG A 277 21.44 5.72 -14.65
C ARG A 277 21.79 4.65 -13.62
N TYR A 278 21.77 3.38 -14.00
CA TYR A 278 22.07 2.33 -13.03
C TYR A 278 23.43 1.64 -13.25
N VAL A 279 24.20 2.15 -14.19
CA VAL A 279 25.53 1.60 -14.47
C VAL A 279 26.40 2.68 -15.10
N GLN A 280 27.69 2.67 -14.77
CA GLN A 280 28.63 3.63 -15.33
C GLN A 280 28.71 3.43 -16.83
N LEU A 281 28.65 4.51 -17.59
CA LEU A 281 28.69 4.43 -19.05
C LEU A 281 30.08 4.19 -19.61
N ALA A 282 31.09 4.16 -18.75
CA ALA A 282 32.46 3.93 -19.17
C ALA A 282 32.96 5.02 -20.10
N PRO A 283 34.19 5.51 -19.86
CA PRO A 283 34.80 6.57 -20.66
C PRO A 283 34.94 6.14 -22.13
N VAL A 284 34.86 7.10 -23.05
CA VAL A 284 35.02 6.79 -24.46
C VAL A 284 36.44 6.26 -24.66
N GLY A 285 36.56 5.17 -25.41
CA GLY A 285 37.86 4.58 -25.65
C GLY A 285 38.18 3.47 -24.66
N MET A 286 37.33 3.34 -23.63
CA MET A 286 37.51 2.32 -22.60
C MET A 286 36.24 1.50 -22.43
N LYS B 5 18.27 3.39 14.45
CA LYS B 5 18.65 4.30 13.34
C LYS B 5 17.39 4.80 12.61
N SER B 6 17.14 6.09 12.69
CA SER B 6 15.99 6.68 12.02
C SER B 6 16.47 7.44 10.78
N GLN B 7 17.43 6.81 10.08
CA GLN B 7 18.02 7.38 8.88
C GLN B 7 16.97 7.96 7.94
N ILE B 8 15.73 7.51 8.10
CA ILE B 8 14.63 7.99 7.26
C ILE B 8 14.39 9.48 7.48
N LYS B 9 14.49 10.23 6.38
CA LYS B 9 14.29 11.67 6.39
C LYS B 9 12.80 11.92 6.54
N ARG B 10 12.44 12.80 7.47
CA ARG B 10 11.03 13.10 7.71
C ARG B 10 10.70 14.57 7.60
N GLN B 11 9.47 14.85 7.16
CA GLN B 11 8.96 16.21 7.03
C GLN B 11 8.34 16.53 8.38
N ARG B 12 8.45 17.78 8.81
CA ARG B 12 7.87 18.16 10.09
C ARG B 12 6.39 18.53 9.98
N MET B 13 5.64 18.25 11.03
CA MET B 13 4.21 18.55 11.07
C MET B 13 3.85 19.10 12.43
N ILE B 14 2.79 19.90 12.48
CA ILE B 14 2.32 20.45 13.74
C ILE B 14 0.89 20.02 13.90
N TYR B 15 0.34 20.13 15.10
CA TYR B 15 -1.05 19.78 15.31
C TYR B 15 -1.85 21.09 15.25
N HIS B 16 -3.11 21.02 14.82
CA HIS B 16 -3.93 22.22 14.73
C HIS B 16 -5.09 22.20 15.71
N CYS B 17 -5.13 21.18 16.56
CA CYS B 17 -6.19 21.07 17.55
C CYS B 17 -5.70 20.19 18.69
N LYS B 18 -6.09 20.52 19.90
CA LYS B 18 -5.76 19.70 21.06
C LYS B 18 -6.78 19.99 22.16
N PHE B 19 -7.02 18.99 22.99
CA PHE B 19 -7.97 19.15 24.07
C PHE B 19 -7.74 18.13 25.16
N GLY B 20 -8.20 18.46 26.35
CA GLY B 20 -8.04 17.57 27.49
C GLY B 20 -7.04 18.11 28.50
N GLU B 21 -7.24 17.73 29.75
CA GLU B 21 -6.36 18.13 30.85
C GLU B 21 -6.70 17.16 31.97
N PHE B 22 -5.86 17.09 32.99
CA PHE B 22 -6.15 16.17 34.08
C PHE B 22 -7.46 16.53 34.78
N GLY B 23 -8.25 15.51 35.14
CA GLY B 23 -9.50 15.76 35.83
C GLY B 23 -10.54 14.67 35.68
N VAL B 24 -11.70 14.89 36.30
CA VAL B 24 -12.80 13.93 36.28
C VAL B 24 -14.05 14.53 35.67
N MET B 25 -13.98 15.81 35.31
CA MET B 25 -15.14 16.46 34.73
C MET B 25 -15.20 16.24 33.23
N GLU B 26 -16.23 16.76 32.61
CA GLU B 26 -16.42 16.64 31.17
C GLU B 26 -15.23 17.21 30.42
N GLY B 27 -14.65 16.42 29.52
CA GLY B 27 -13.52 16.89 28.75
C GLY B 27 -12.19 16.74 29.43
N GLN B 28 -12.19 16.29 30.68
CA GLN B 28 -10.95 16.07 31.41
C GLN B 28 -10.67 14.59 31.38
N PHE B 29 -9.40 14.21 31.52
CA PHE B 29 -9.04 12.80 31.48
C PHE B 29 -8.08 12.38 32.60
N THR B 30 -8.07 11.08 32.87
CA THR B 30 -7.16 10.51 33.85
C THR B 30 -6.14 9.76 33.02
N GLU B 31 -6.62 9.07 31.97
CA GLU B 31 -5.77 8.29 31.07
C GLU B 31 -6.50 7.95 29.78
N PRO B 32 -6.30 8.75 28.72
CA PRO B 32 -6.95 8.51 27.45
C PRO B 32 -6.19 7.39 26.73
N SER B 33 -6.45 6.15 27.13
CA SER B 33 -5.76 4.98 26.59
C SER B 33 -6.20 4.50 25.20
N GLY B 34 -7.39 4.87 24.78
CA GLY B 34 -7.89 4.44 23.50
C GLY B 34 -8.70 5.51 22.77
N VAL B 35 -8.60 5.54 21.45
CA VAL B 35 -9.35 6.51 20.66
C VAL B 35 -9.86 5.89 19.36
N ALA B 36 -11.04 6.33 18.94
CA ALA B 36 -11.67 5.84 17.73
C ALA B 36 -12.49 6.99 17.15
N VAL B 37 -12.90 6.85 15.89
CA VAL B 37 -13.68 7.90 15.23
C VAL B 37 -14.86 7.26 14.48
N ASN B 38 -16.02 7.91 14.51
CA ASN B 38 -17.19 7.38 13.80
C ASN B 38 -17.31 8.02 12.43
N ALA B 39 -18.36 7.65 11.70
CA ALA B 39 -18.59 8.18 10.36
C ALA B 39 -18.68 9.71 10.31
N GLN B 40 -19.12 10.32 11.40
CA GLN B 40 -19.25 11.77 11.47
C GLN B 40 -17.95 12.45 11.90
N ASN B 41 -16.92 11.65 12.12
CA ASN B 41 -15.61 12.12 12.57
C ASN B 41 -15.65 12.54 14.03
N ASP B 42 -16.66 12.07 14.77
CA ASP B 42 -16.72 12.37 16.19
C ASP B 42 -15.55 11.60 16.79
N ILE B 43 -14.99 12.11 17.88
CA ILE B 43 -13.87 11.44 18.51
C ILE B 43 -14.34 10.73 19.77
N ILE B 44 -14.17 9.41 19.81
CA ILE B 44 -14.58 8.59 20.95
C ILE B 44 -13.33 8.20 21.74
N VAL B 45 -13.35 8.45 23.04
CA VAL B 45 -12.19 8.18 23.86
C VAL B 45 -12.41 7.37 25.14
N ALA B 46 -11.55 6.38 25.34
CA ALA B 46 -11.59 5.54 26.53
C ALA B 46 -10.78 6.27 27.61
N ASP B 47 -11.45 6.64 28.71
CA ASP B 47 -10.82 7.35 29.82
C ASP B 47 -10.76 6.33 30.94
N THR B 48 -9.73 5.50 30.88
CA THR B 48 -9.54 4.39 31.81
C THR B 48 -9.79 4.54 33.30
N ASN B 49 -9.01 5.39 33.96
CA ASN B 49 -9.16 5.55 35.38
C ASN B 49 -10.40 6.31 35.83
N ASN B 50 -11.23 6.74 34.89
CA ASN B 50 -12.48 7.40 35.21
C ASN B 50 -13.57 6.40 34.83
N HIS B 51 -13.14 5.29 34.23
CA HIS B 51 -14.07 4.22 33.83
C HIS B 51 -15.25 4.74 33.02
N ARG B 52 -14.93 5.51 31.98
CA ARG B 52 -15.95 6.12 31.15
C ARG B 52 -15.45 6.30 29.73
N ILE B 53 -16.39 6.52 28.82
CA ILE B 53 -16.07 6.78 27.43
C ILE B 53 -16.59 8.19 27.20
N GLN B 54 -15.78 9.03 26.60
CA GLN B 54 -16.19 10.40 26.32
C GLN B 54 -16.20 10.60 24.81
N ILE B 55 -17.21 11.32 24.33
CA ILE B 55 -17.35 11.58 22.90
C ILE B 55 -17.30 13.09 22.63
N PHE B 56 -16.57 13.48 21.59
CA PHE B 56 -16.40 14.87 21.19
C PHE B 56 -16.66 14.99 19.70
N ASP B 57 -16.92 16.20 19.21
CA ASP B 57 -17.09 16.35 17.76
C ASP B 57 -15.68 16.38 17.18
N LYS B 58 -15.56 16.45 15.86
CA LYS B 58 -14.24 16.44 15.25
C LYS B 58 -13.36 17.63 15.59
N GLU B 59 -13.91 18.60 16.30
CA GLU B 59 -13.15 19.78 16.71
C GLU B 59 -12.78 19.73 18.19
N GLY B 60 -13.06 18.60 18.83
CA GLY B 60 -12.72 18.46 20.24
C GLY B 60 -13.72 18.98 21.26
N ARG B 61 -14.93 19.30 20.82
CA ARG B 61 -15.94 19.77 21.76
C ARG B 61 -16.70 18.60 22.35
N PHE B 62 -16.77 18.57 23.68
CA PHE B 62 -17.44 17.51 24.40
C PHE B 62 -18.91 17.42 23.99
N LYS B 63 -19.38 16.20 23.72
CA LYS B 63 -20.77 15.97 23.36
C LYS B 63 -21.47 15.27 24.51
N PHE B 64 -20.93 14.12 24.91
CA PHE B 64 -21.51 13.38 26.02
C PHE B 64 -20.56 12.28 26.47
N GLN B 65 -20.94 11.61 27.56
CA GLN B 65 -20.13 10.53 28.09
C GLN B 65 -21.04 9.39 28.53
N PHE B 66 -20.47 8.21 28.67
CA PHE B 66 -21.19 7.05 29.14
C PHE B 66 -20.15 6.22 29.86
N GLY B 67 -20.57 5.64 30.97
CA GLY B 67 -19.67 4.82 31.75
C GLY B 67 -19.43 5.30 33.17
N GLU B 68 -19.25 4.33 34.07
CA GLU B 68 -18.96 4.60 35.47
C GLU B 68 -18.35 3.32 36.06
N CYS B 69 -17.46 3.47 37.02
CA CYS B 69 -16.80 2.33 37.65
C CYS B 69 -17.81 1.30 38.17
N GLY B 70 -17.68 0.05 37.72
CA GLY B 70 -18.58 -1.00 38.17
C GLY B 70 -18.60 -2.22 37.26
N LYS B 71 -19.23 -3.30 37.69
CA LYS B 71 -19.27 -4.52 36.89
C LYS B 71 -20.67 -4.90 36.40
N ARG B 72 -21.63 -4.01 36.63
CA ARG B 72 -23.02 -4.22 36.21
C ARG B 72 -23.24 -3.60 34.83
N ASP B 73 -24.36 -3.94 34.18
CA ASP B 73 -24.66 -3.36 32.87
C ASP B 73 -24.62 -1.84 33.05
N SER B 74 -24.13 -1.13 32.03
CA SER B 74 -24.02 0.33 32.06
C SER B 74 -22.83 0.82 32.89
N GLN B 75 -22.01 -0.12 33.35
CA GLN B 75 -20.84 0.23 34.14
C GLN B 75 -19.62 -0.38 33.47
N LEU B 76 -18.48 0.27 33.63
CA LEU B 76 -17.24 -0.20 33.04
C LEU B 76 -16.16 -0.29 34.12
N LEU B 77 -15.14 -1.08 33.84
CA LEU B 77 -14.03 -1.26 34.78
C LEU B 77 -12.74 -1.29 33.98
N TYR B 78 -12.07 -0.15 33.92
CA TYR B 78 -10.82 -0.01 33.20
C TYR B 78 -10.96 -0.18 31.70
N PRO B 79 -11.90 0.56 31.10
CA PRO B 79 -12.01 0.40 29.64
C PRO B 79 -10.72 0.96 29.06
N ASN B 80 -10.07 0.20 28.19
CA ASN B 80 -8.80 0.66 27.62
C ASN B 80 -8.78 0.96 26.12
N ARG B 81 -9.58 0.24 25.34
CA ARG B 81 -9.62 0.49 23.92
C ARG B 81 -11.05 0.69 23.42
N VAL B 82 -11.18 1.32 22.26
CA VAL B 82 -12.48 1.57 21.63
C VAL B 82 -12.44 1.44 20.11
N ALA B 83 -13.60 1.07 19.57
CA ALA B 83 -13.79 0.93 18.13
C ALA B 83 -15.24 1.30 17.82
N VAL B 84 -15.53 1.59 16.55
CA VAL B 84 -16.87 1.98 16.15
C VAL B 84 -17.40 1.11 15.01
N VAL B 85 -18.68 0.72 15.10
CA VAL B 85 -19.30 -0.06 14.04
C VAL B 85 -19.88 1.00 13.14
N ARG B 86 -19.08 1.37 12.14
CA ARG B 86 -19.40 2.43 11.19
C ARG B 86 -20.82 2.55 10.63
N ASN B 87 -21.42 1.43 10.23
CA ASN B 87 -22.76 1.47 9.64
C ASN B 87 -23.85 1.81 10.65
N SER B 88 -23.64 1.49 11.92
CA SER B 88 -24.66 1.77 12.95
C SER B 88 -24.27 2.89 13.91
N GLY B 89 -22.98 3.07 14.12
CA GLY B 89 -22.53 4.09 15.04
C GLY B 89 -22.30 3.49 16.41
N ASP B 90 -22.54 2.19 16.53
CA ASP B 90 -22.36 1.47 17.79
C ASP B 90 -20.90 1.56 18.24
N ILE B 91 -20.70 1.70 19.54
CA ILE B 91 -19.36 1.82 20.12
C ILE B 91 -18.94 0.53 20.82
N ILE B 92 -17.79 0.00 20.41
CA ILE B 92 -17.24 -1.22 20.98
C ILE B 92 -16.16 -0.86 21.99
N VAL B 93 -16.26 -1.42 23.19
CA VAL B 93 -15.29 -1.15 24.24
C VAL B 93 -14.62 -2.40 24.80
N THR B 94 -13.31 -2.32 25.03
CA THR B 94 -12.60 -3.43 25.65
C THR B 94 -12.17 -2.96 27.03
N GLU B 95 -12.33 -3.85 28.01
CA GLU B 95 -11.95 -3.55 29.38
C GLU B 95 -10.69 -4.33 29.72
N ARG B 96 -9.67 -3.58 30.12
CA ARG B 96 -8.34 -4.08 30.48
C ARG B 96 -8.34 -5.39 31.28
N SER B 97 -7.27 -6.15 31.08
CA SER B 97 -7.02 -7.44 31.70
C SER B 97 -7.84 -7.81 32.94
N PRO B 98 -7.74 -7.02 34.02
CA PRO B 98 -8.51 -7.38 35.20
C PRO B 98 -9.94 -7.76 34.79
N THR B 99 -10.51 -6.95 33.91
CA THR B 99 -11.85 -7.17 33.39
C THR B 99 -11.79 -7.42 31.89
N HIS B 100 -10.97 -8.38 31.49
CA HIS B 100 -10.84 -8.74 30.08
C HIS B 100 -12.24 -9.01 29.51
N GLN B 101 -12.91 -7.96 29.06
CA GLN B 101 -14.27 -8.08 28.54
C GLN B 101 -14.57 -7.06 27.46
N ILE B 102 -15.56 -7.37 26.62
CA ILE B 102 -15.96 -6.48 25.54
C ILE B 102 -17.39 -5.99 25.76
N GLN B 103 -17.61 -4.70 25.49
CA GLN B 103 -18.92 -4.09 25.66
C GLN B 103 -19.38 -3.32 24.43
N ILE B 104 -20.69 -3.35 24.20
CA ILE B 104 -21.30 -2.67 23.06
C ILE B 104 -22.36 -1.66 23.50
N TYR B 105 -22.18 -0.41 23.08
CA TYR B 105 -23.13 0.66 23.38
C TYR B 105 -23.56 1.22 22.03
N ASN B 106 -24.74 1.83 21.96
CA ASN B 106 -25.17 2.40 20.69
C ASN B 106 -24.63 3.83 20.57
N GLN B 107 -24.92 4.50 19.46
CA GLN B 107 -24.44 5.84 19.21
C GLN B 107 -24.89 6.88 20.24
N TYR B 108 -25.85 6.52 21.08
CA TYR B 108 -26.36 7.43 22.10
C TYR B 108 -25.79 7.16 23.48
N GLY B 109 -24.95 6.15 23.58
CA GLY B 109 -24.35 5.83 24.87
C GLY B 109 -25.17 4.87 25.70
N GLN B 110 -26.09 4.16 25.05
CA GLN B 110 -26.93 3.20 25.75
C GLN B 110 -26.34 1.80 25.66
N PHE B 111 -26.21 1.15 26.80
CA PHE B 111 -25.68 -0.20 26.86
C PHE B 111 -26.51 -1.16 26.02
N VAL B 112 -25.85 -1.97 25.22
CA VAL B 112 -26.52 -2.96 24.40
C VAL B 112 -26.28 -4.33 25.01
N ARG B 113 -25.01 -4.72 25.11
CA ARG B 113 -24.65 -6.01 25.68
C ARG B 113 -23.15 -6.10 25.93
N LYS B 114 -22.74 -7.17 26.61
CA LYS B 114 -21.32 -7.40 26.90
C LYS B 114 -21.04 -8.91 26.82
N PHE B 115 -19.78 -9.27 26.55
CA PHE B 115 -19.40 -10.66 26.42
C PHE B 115 -17.89 -10.88 26.34
N GLY B 116 -17.50 -12.15 26.17
CA GLY B 116 -16.10 -12.50 26.05
C GLY B 116 -15.31 -12.68 27.33
N ALA B 117 -15.91 -12.29 28.46
CA ALA B 117 -15.26 -12.39 29.76
C ALA B 117 -14.53 -13.70 30.05
N THR B 118 -15.16 -14.83 29.72
CA THR B 118 -14.55 -16.13 29.99
C THR B 118 -13.57 -16.55 28.91
N ILE B 119 -13.48 -15.77 27.85
CA ILE B 119 -12.59 -16.11 26.74
C ILE B 119 -11.37 -15.20 26.64
N LEU B 120 -11.56 -13.90 26.83
CA LEU B 120 -10.46 -12.96 26.74
C LEU B 120 -9.56 -13.00 27.97
N GLN B 121 -8.32 -12.55 27.80
CA GLN B 121 -7.36 -12.52 28.89
C GLN B 121 -6.65 -11.17 28.96
N HIS B 122 -6.15 -10.70 27.82
CA HIS B 122 -5.42 -9.43 27.79
C HIS B 122 -5.68 -8.61 26.52
N PRO B 123 -6.93 -8.15 26.32
CA PRO B 123 -7.24 -7.36 25.12
C PRO B 123 -6.40 -6.08 25.09
N ARG B 124 -5.69 -5.86 23.98
CA ARG B 124 -4.84 -4.67 23.81
C ARG B 124 -5.17 -3.87 22.57
N GLY B 125 -6.11 -4.37 21.77
CA GLY B 125 -6.51 -3.68 20.56
C GLY B 125 -7.82 -4.22 20.02
N VAL B 126 -8.60 -3.35 19.39
CA VAL B 126 -9.88 -3.77 18.84
C VAL B 126 -10.29 -2.94 17.63
N THR B 127 -10.98 -3.58 16.70
CA THR B 127 -11.46 -2.92 15.51
C THR B 127 -12.67 -3.71 15.00
N VAL B 128 -13.43 -3.11 14.09
CA VAL B 128 -14.62 -3.74 13.51
C VAL B 128 -14.50 -3.71 12.00
N ASP B 129 -14.79 -4.83 11.33
CA ASP B 129 -14.69 -4.84 9.87
C ASP B 129 -16.00 -4.43 9.22
N ASN B 130 -16.01 -4.36 7.90
CA ASN B 130 -17.20 -3.94 7.17
C ASN B 130 -18.37 -4.93 7.24
N LYS B 131 -18.17 -6.06 7.91
CA LYS B 131 -19.23 -7.05 8.05
C LYS B 131 -19.73 -7.07 9.49
N GLY B 132 -19.34 -6.07 10.25
CA GLY B 132 -19.77 -5.98 11.63
C GLY B 132 -19.03 -6.91 12.56
N ARG B 133 -17.97 -7.55 12.05
CA ARG B 133 -17.19 -8.45 12.88
C ARG B 133 -16.20 -7.70 13.75
N ILE B 134 -16.02 -8.19 14.97
CA ILE B 134 -15.14 -7.55 15.93
C ILE B 134 -13.84 -8.32 16.09
N ILE B 135 -12.72 -7.67 15.74
CA ILE B 135 -11.40 -8.30 15.85
C ILE B 135 -10.67 -7.78 17.09
N VAL B 136 -10.19 -8.70 17.90
CA VAL B 136 -9.47 -8.37 19.12
C VAL B 136 -8.09 -9.01 19.17
N VAL B 137 -7.08 -8.20 19.49
CA VAL B 137 -5.73 -8.71 19.60
C VAL B 137 -5.34 -8.67 21.07
N GLU B 138 -4.62 -9.69 21.53
CA GLU B 138 -4.20 -9.78 22.93
C GLU B 138 -2.70 -10.02 23.06
N CYS B 139 -2.12 -9.48 24.12
CA CYS B 139 -0.69 -9.68 24.37
C CYS B 139 -0.57 -10.71 25.50
N LYS B 140 0.67 -11.06 25.86
CA LYS B 140 0.95 -12.05 26.90
C LYS B 140 0.27 -13.38 26.61
N VAL B 141 -0.34 -13.48 25.44
CA VAL B 141 -1.01 -14.71 25.01
C VAL B 141 -0.82 -14.78 23.50
N MET B 142 -0.47 -13.65 22.91
CA MET B 142 -0.25 -13.52 21.48
C MET B 142 -1.29 -14.27 20.66
N ARG B 143 -2.49 -13.73 20.61
CA ARG B 143 -3.57 -14.32 19.84
C ARG B 143 -4.62 -13.31 19.41
N VAL B 144 -5.36 -13.67 18.38
CA VAL B 144 -6.41 -12.84 17.83
C VAL B 144 -7.74 -13.58 17.94
N ILE B 145 -8.79 -12.85 18.31
CA ILE B 145 -10.11 -13.46 18.45
C ILE B 145 -11.12 -12.60 17.69
N ILE B 146 -11.96 -13.26 16.89
CA ILE B 146 -12.97 -12.57 16.10
C ILE B 146 -14.37 -12.96 16.54
N PHE B 147 -15.17 -11.98 16.94
CA PHE B 147 -16.54 -12.18 17.41
C PHE B 147 -17.53 -11.55 16.45
N ASP B 148 -18.79 -11.94 16.57
CA ASP B 148 -19.84 -11.33 15.77
C ASP B 148 -20.43 -10.34 16.77
N GLN B 149 -21.32 -9.46 16.34
CA GLN B 149 -21.90 -8.49 17.28
C GLN B 149 -22.74 -9.07 18.41
N ASN B 150 -22.99 -10.38 18.40
CA ASN B 150 -23.78 -11.01 19.44
C ASN B 150 -22.92 -11.75 20.46
N GLY B 151 -21.61 -11.71 20.28
CA GLY B 151 -20.72 -12.37 21.23
C GLY B 151 -20.19 -13.73 20.79
N ASN B 152 -20.72 -14.25 19.70
CA ASN B 152 -20.29 -15.53 19.20
C ASN B 152 -18.86 -15.47 18.67
N VAL B 153 -18.02 -16.39 19.15
CA VAL B 153 -16.63 -16.45 18.72
C VAL B 153 -16.56 -17.10 17.34
N LEU B 154 -16.42 -16.27 16.31
CA LEU B 154 -16.35 -16.76 14.93
C LEU B 154 -15.05 -17.49 14.65
N HIS B 155 -13.96 -17.04 15.28
CA HIS B 155 -12.67 -17.67 15.08
C HIS B 155 -11.61 -17.11 16.01
N LYS B 156 -10.56 -17.90 16.25
CA LYS B 156 -9.46 -17.48 17.11
C LYS B 156 -8.19 -18.20 16.66
N PHE B 157 -7.05 -17.54 16.86
CA PHE B 157 -5.78 -18.15 16.49
C PHE B 157 -4.60 -17.52 17.21
N GLY B 158 -3.52 -18.30 17.33
CA GLY B 158 -2.34 -17.80 17.99
C GLY B 158 -1.37 -17.22 16.98
N CYS B 159 -0.43 -16.42 17.45
CA CYS B 159 0.56 -15.82 16.57
C CYS B 159 1.79 -15.44 17.37
N SER B 160 2.06 -16.24 18.39
CA SER B 160 3.21 -16.02 19.26
C SER B 160 4.49 -16.19 18.45
N LYS B 161 4.34 -16.76 17.26
CA LYS B 161 5.48 -16.99 16.38
C LYS B 161 5.94 -15.70 15.70
N HIS B 162 5.00 -14.80 15.42
CA HIS B 162 5.34 -13.55 14.75
C HIS B 162 5.16 -12.28 15.57
N LEU B 163 4.41 -12.37 16.66
CA LEU B 163 4.15 -11.20 17.50
C LEU B 163 4.82 -11.18 18.87
N GLU B 164 5.09 -9.97 19.37
CA GLU B 164 5.75 -9.78 20.66
C GLU B 164 5.01 -8.94 21.71
N PHE B 165 4.56 -7.75 21.33
CA PHE B 165 3.78 -6.88 22.22
C PHE B 165 2.86 -6.17 21.25
N PRO B 166 1.83 -6.88 20.79
CA PRO B 166 0.89 -6.27 19.86
C PRO B 166 0.16 -5.16 20.61
N ASN B 167 -0.07 -4.02 19.95
CA ASN B 167 -0.73 -2.90 20.64
C ASN B 167 -1.71 -2.07 19.82
N GLY B 168 -2.06 -2.57 18.65
CA GLY B 168 -2.98 -1.87 17.79
C GLY B 168 -3.43 -2.76 16.66
N VAL B 169 -4.58 -2.46 16.08
CA VAL B 169 -5.08 -3.26 14.99
C VAL B 169 -6.15 -2.59 14.13
N VAL B 170 -6.04 -2.82 12.83
CA VAL B 170 -6.99 -2.32 11.85
C VAL B 170 -7.11 -3.44 10.82
N VAL B 171 -8.20 -3.42 10.05
CA VAL B 171 -8.44 -4.43 9.03
C VAL B 171 -8.91 -3.69 7.77
N ASN B 172 -8.76 -4.33 6.62
CA ASN B 172 -9.24 -3.73 5.38
C ASN B 172 -10.46 -4.55 4.97
N ASP B 173 -10.90 -4.40 3.73
CA ASP B 173 -12.04 -5.18 3.23
C ASP B 173 -11.41 -6.19 2.29
N LYS B 174 -10.92 -7.29 2.87
CA LYS B 174 -10.26 -8.38 2.13
C LYS B 174 -9.80 -9.34 3.19
N GLN B 175 -10.37 -9.20 4.37
CA GLN B 175 -10.02 -10.05 5.50
C GLN B 175 -8.53 -10.15 5.78
N GLU B 176 -7.89 -8.99 5.92
CA GLU B 176 -6.48 -8.95 6.27
C GLU B 176 -6.42 -8.13 7.55
N ILE B 177 -5.68 -8.64 8.53
CA ILE B 177 -5.55 -7.99 9.82
C ILE B 177 -4.15 -7.39 9.97
N PHE B 178 -4.11 -6.09 10.26
CA PHE B 178 -2.88 -5.35 10.42
C PHE B 178 -2.66 -5.03 11.90
N ILE B 179 -1.68 -5.69 12.51
CA ILE B 179 -1.39 -5.50 13.92
C ILE B 179 -0.05 -4.81 14.16
N SER B 180 -0.07 -3.71 14.90
CA SER B 180 1.17 -3.01 15.22
C SER B 180 1.82 -3.71 16.41
N ASP B 181 3.14 -3.84 16.36
CA ASP B 181 3.90 -4.52 17.40
C ASP B 181 5.01 -3.60 17.91
N ASN B 182 4.88 -3.15 19.14
CA ASN B 182 5.85 -2.24 19.73
C ASN B 182 7.28 -2.78 19.84
N ARG B 183 7.43 -4.08 20.06
CA ARG B 183 8.76 -4.65 20.20
C ARG B 183 9.36 -5.20 18.91
N ALA B 184 8.50 -5.46 17.92
CA ALA B 184 8.94 -5.97 16.64
C ALA B 184 9.25 -4.83 15.68
N HIS B 185 8.98 -3.60 16.12
CA HIS B 185 9.22 -2.40 15.32
C HIS B 185 8.58 -2.48 13.96
N CYS B 186 7.33 -2.94 13.89
CA CYS B 186 6.64 -3.08 12.61
C CYS B 186 5.19 -3.47 12.79
N VAL B 187 4.52 -3.68 11.65
CA VAL B 187 3.14 -4.12 11.61
C VAL B 187 3.18 -5.49 10.95
N LYS B 188 2.45 -6.45 11.51
CA LYS B 188 2.38 -7.80 10.98
C LYS B 188 0.98 -7.99 10.42
N VAL B 189 0.89 -8.59 9.23
CA VAL B 189 -0.40 -8.81 8.60
C VAL B 189 -0.77 -10.29 8.57
N PHE B 190 -2.03 -10.58 8.90
CA PHE B 190 -2.55 -11.95 8.93
C PHE B 190 -3.89 -11.99 8.20
N ASN B 191 -4.32 -13.18 7.79
CA ASN B 191 -5.61 -13.33 7.15
C ASN B 191 -6.51 -13.80 8.30
N TYR B 192 -7.82 -13.87 8.08
CA TYR B 192 -8.71 -14.29 9.16
C TYR B 192 -8.48 -15.70 9.70
N GLU B 193 -7.89 -16.58 8.90
CA GLU B 193 -7.63 -17.94 9.37
C GLU B 193 -6.43 -17.91 10.30
N GLY B 194 -5.65 -16.84 10.21
CA GLY B 194 -4.49 -16.73 11.09
C GLY B 194 -3.12 -16.96 10.48
N GLN B 195 -3.02 -17.10 9.16
CA GLN B 195 -1.72 -17.30 8.55
C GLN B 195 -1.03 -15.95 8.30
N TYR B 196 0.23 -15.86 8.73
CA TYR B 196 0.99 -14.64 8.55
C TYR B 196 1.13 -14.36 7.05
N LEU B 197 0.79 -13.15 6.65
CA LEU B 197 0.86 -12.76 5.24
C LEU B 197 2.10 -11.92 4.91
N ARG B 198 2.34 -10.85 5.67
CA ARG B 198 3.48 -9.99 5.40
C ARG B 198 3.77 -9.00 6.54
N GLN B 199 4.87 -8.27 6.39
CA GLN B 199 5.28 -7.27 7.37
C GLN B 199 5.34 -5.89 6.72
N ILE B 200 4.96 -4.87 7.47
CA ILE B 200 4.99 -3.49 6.98
C ILE B 200 5.86 -2.75 7.98
N GLY B 201 6.84 -2.00 7.48
CA GLY B 201 7.73 -1.28 8.35
C GLY B 201 8.81 -2.21 8.89
N GLY B 202 9.56 -1.74 9.89
CA GLY B 202 10.61 -2.54 10.48
C GLY B 202 11.58 -1.68 11.28
N GLU B 203 12.49 -2.31 12.00
CA GLU B 203 13.47 -1.57 12.79
C GLU B 203 14.24 -0.62 11.87
N GLY B 204 14.40 0.62 12.32
CA GLY B 204 15.11 1.61 11.52
C GLY B 204 14.11 2.46 10.74
N ILE B 205 12.89 1.95 10.60
CA ILE B 205 11.83 2.63 9.87
C ILE B 205 10.70 3.02 10.82
N THR B 206 10.12 2.01 11.46
CA THR B 206 9.03 2.23 12.39
C THR B 206 9.37 1.62 13.74
N ASN B 207 10.21 2.30 14.50
CA ASN B 207 10.61 1.79 15.80
C ASN B 207 9.49 2.02 16.79
N TYR B 208 9.47 1.21 17.83
CA TYR B 208 8.48 1.27 18.90
C TYR B 208 7.14 1.87 18.48
N PRO B 209 6.43 1.24 17.53
CA PRO B 209 5.13 1.76 17.08
C PRO B 209 4.10 1.63 18.17
N ILE B 210 3.22 2.61 18.26
CA ILE B 210 2.17 2.64 19.26
C ILE B 210 0.80 2.47 18.65
N GLY B 211 0.75 2.39 17.33
CA GLY B 211 -0.51 2.24 16.66
C GLY B 211 -0.41 2.15 15.14
N VAL B 212 -1.53 1.83 14.51
CA VAL B 212 -1.61 1.69 13.08
C VAL B 212 -3.01 2.06 12.62
N GLY B 213 -3.09 2.62 11.41
CA GLY B 213 -4.36 3.01 10.85
C GLY B 213 -4.39 2.74 9.36
N ILE B 214 -5.57 2.80 8.76
CA ILE B 214 -5.70 2.59 7.33
C ILE B 214 -6.71 3.58 6.78
N ASN B 215 -6.42 4.20 5.64
CA ASN B 215 -7.35 5.16 5.09
C ASN B 215 -8.08 4.60 3.86
N SER B 216 -8.92 5.45 3.26
CA SER B 216 -9.70 5.08 2.09
C SER B 216 -8.91 4.67 0.86
N ASN B 217 -7.61 4.99 0.83
CA ASN B 217 -6.75 4.62 -0.30
C ASN B 217 -6.04 3.31 -0.03
N GLY B 218 -6.35 2.69 1.10
CA GLY B 218 -5.70 1.44 1.45
C GLY B 218 -4.30 1.67 1.98
N GLU B 219 -3.97 2.93 2.24
CA GLU B 219 -2.64 3.26 2.74
C GLU B 219 -2.58 2.92 4.23
N ILE B 220 -1.47 2.32 4.64
CA ILE B 220 -1.30 1.95 6.04
C ILE B 220 -0.42 2.98 6.73
N LEU B 221 -0.93 3.56 7.81
CA LEU B 221 -0.18 4.56 8.55
C LEU B 221 0.32 3.95 9.86
N ILE B 222 1.63 4.00 10.06
CA ILE B 222 2.22 3.45 11.29
C ILE B 222 2.74 4.58 12.15
N ALA B 223 2.26 4.61 13.39
CA ALA B 223 2.65 5.65 14.34
C ALA B 223 3.58 5.15 15.43
N ASP B 224 4.54 5.99 15.79
CA ASP B 224 5.47 5.65 16.85
C ASP B 224 5.90 6.96 17.50
N ASN B 225 6.49 6.87 18.69
CA ASN B 225 6.92 8.06 19.41
C ASN B 225 8.41 7.96 19.77
N HIS B 226 9.20 7.40 18.86
CA HIS B 226 10.62 7.25 19.06
C HIS B 226 11.27 8.52 18.51
N ASN B 227 11.83 9.34 19.39
CA ASN B 227 12.40 10.61 18.98
C ASN B 227 11.26 11.31 18.27
N ASN B 228 10.39 11.96 19.03
CA ASN B 228 9.25 12.68 18.47
C ASN B 228 8.26 11.75 17.78
N PHE B 229 7.02 12.16 17.84
CA PHE B 229 5.88 11.48 17.26
C PHE B 229 6.07 11.32 15.75
N ASN B 230 6.16 10.09 15.27
CA ASN B 230 6.38 9.86 13.85
C ASN B 230 5.24 9.12 13.17
N LEU B 231 5.01 9.48 11.91
CA LEU B 231 4.00 8.84 11.09
C LEU B 231 4.71 8.37 9.84
N THR B 232 4.55 7.10 9.50
CA THR B 232 5.18 6.56 8.31
C THR B 232 4.07 5.91 7.49
N ILE B 233 3.91 6.40 6.27
CA ILE B 233 2.84 5.94 5.40
C ILE B 233 3.27 5.06 4.25
N PHE B 234 2.60 3.92 4.14
CA PHE B 234 2.86 2.92 3.12
C PHE B 234 1.62 2.70 2.27
N THR B 235 1.81 2.52 0.95
CA THR B 235 0.68 2.25 0.07
C THR B 235 0.27 0.79 0.33
N GLN B 236 -0.93 0.41 -0.09
CA GLN B 236 -1.35 -0.97 0.12
C GLN B 236 -0.35 -1.87 -0.61
N ASP B 237 0.44 -1.22 -1.46
CA ASP B 237 1.45 -1.83 -2.30
C ASP B 237 2.83 -1.99 -1.63
N GLY B 238 2.93 -1.60 -0.36
CA GLY B 238 4.19 -1.73 0.33
C GLY B 238 5.25 -0.69 -0.06
N GLN B 239 4.82 0.45 -0.58
CA GLN B 239 5.74 1.51 -0.96
C GLN B 239 5.71 2.59 0.12
N LEU B 240 6.87 2.96 0.65
CA LEU B 240 6.96 3.99 1.69
C LEU B 240 6.91 5.35 0.99
N ILE B 241 5.73 5.96 0.98
CA ILE B 241 5.56 7.24 0.29
C ILE B 241 5.62 8.53 1.13
N SER B 242 5.53 8.42 2.45
CA SER B 242 5.57 9.61 3.28
C SER B 242 6.06 9.32 4.68
N ALA B 243 6.95 10.18 5.18
CA ALA B 243 7.49 10.03 6.52
C ALA B 243 7.44 11.39 7.21
N LEU B 244 6.64 11.47 8.27
CA LEU B 244 6.45 12.73 9.00
C LEU B 244 6.90 12.61 10.45
N GLU B 245 7.19 13.75 11.06
CA GLU B 245 7.59 13.80 12.47
C GLU B 245 7.05 15.10 13.04
N SER B 246 6.60 15.04 14.29
CA SER B 246 6.04 16.22 14.93
C SER B 246 7.11 17.23 15.28
N LYS B 247 6.68 18.48 15.38
CA LYS B 247 7.57 19.58 15.73
C LYS B 247 7.86 19.49 17.23
N VAL B 248 6.83 19.14 18.01
CA VAL B 248 6.95 19.05 19.46
C VAL B 248 7.29 17.63 19.94
N LYS B 249 7.72 17.55 21.19
CA LYS B 249 8.02 16.26 21.80
C LYS B 249 6.71 15.90 22.47
N HIS B 250 6.40 14.62 22.54
CA HIS B 250 5.16 14.19 23.17
C HIS B 250 5.43 13.24 24.32
N ALA B 251 4.48 13.16 25.25
CA ALA B 251 4.61 12.22 26.36
C ALA B 251 4.20 10.89 25.73
N GLN B 252 4.17 9.83 26.52
CA GLN B 252 3.79 8.52 26.00
C GLN B 252 2.53 8.59 25.14
N CYS B 253 2.59 7.96 23.97
CA CYS B 253 1.46 7.93 23.04
C CYS B 253 0.73 6.60 23.18
N PHE B 254 -0.55 6.68 23.55
CA PHE B 254 -1.40 5.52 23.78
C PHE B 254 -2.10 4.92 22.57
N ASP B 255 -2.63 5.76 21.70
CA ASP B 255 -3.39 5.24 20.55
C ASP B 255 -3.57 6.34 19.50
N VAL B 256 -3.93 5.93 18.30
CA VAL B 256 -4.17 6.86 17.22
C VAL B 256 -5.37 6.36 16.41
N ALA B 257 -6.06 7.29 15.76
CA ALA B 257 -7.21 6.95 14.95
C ALA B 257 -7.31 7.98 13.82
N LEU B 258 -7.50 7.52 12.60
CA LEU B 258 -7.59 8.44 11.48
C LEU B 258 -8.99 8.98 11.27
N MET B 259 -9.08 10.20 10.77
CA MET B 259 -10.35 10.79 10.43
C MET B 259 -10.41 10.52 8.93
N ASP B 260 -11.54 10.77 8.29
CA ASP B 260 -11.66 10.51 6.87
C ASP B 260 -11.24 11.67 5.98
N ASP B 261 -10.64 12.69 6.58
CA ASP B 261 -10.25 13.88 5.83
C ASP B 261 -8.75 14.21 5.82
N GLY B 262 -7.90 13.23 6.07
CA GLY B 262 -6.46 13.50 6.08
C GLY B 262 -5.86 13.90 7.41
N SER B 263 -6.58 13.63 8.49
CA SER B 263 -6.11 13.94 9.85
C SER B 263 -6.02 12.67 10.70
N VAL B 264 -5.23 12.73 11.76
CA VAL B 264 -5.10 11.60 12.69
C VAL B 264 -5.17 12.14 14.11
N VAL B 265 -5.90 11.46 14.98
CA VAL B 265 -6.02 11.89 16.37
C VAL B 265 -5.08 11.06 17.20
N LEU B 266 -4.31 11.73 18.05
CA LEU B 266 -3.33 11.10 18.91
C LEU B 266 -3.77 11.23 20.37
N ALA B 267 -3.81 10.11 21.09
CA ALA B 267 -4.18 10.11 22.50
C ALA B 267 -2.88 10.00 23.29
N SER B 268 -2.67 10.90 24.25
CA SER B 268 -1.43 10.90 25.01
C SER B 268 -1.53 10.83 26.54
N LYS B 269 -0.46 10.36 27.16
CA LYS B 269 -0.39 10.22 28.59
C LYS B 269 -0.46 11.54 29.33
N ASP B 270 -0.29 12.65 28.60
CA ASP B 270 -0.36 13.96 29.23
C ASP B 270 -1.79 14.46 29.35
N TYR B 271 -2.75 13.53 29.37
CA TYR B 271 -4.17 13.86 29.49
C TYR B 271 -4.71 14.65 28.31
N ARG B 272 -4.13 14.44 27.13
CA ARG B 272 -4.55 15.18 25.96
C ARG B 272 -4.68 14.39 24.67
N LEU B 273 -5.50 14.94 23.78
CA LEU B 273 -5.73 14.40 22.44
C LEU B 273 -5.22 15.50 21.51
N TYR B 274 -4.46 15.11 20.49
CA TYR B 274 -3.93 16.06 19.52
C TYR B 274 -4.37 15.64 18.12
N ILE B 275 -4.68 16.61 17.26
CA ILE B 275 -5.08 16.28 15.90
C ILE B 275 -4.01 16.79 14.93
N TYR B 276 -3.47 15.87 14.13
CA TYR B 276 -2.45 16.16 13.14
C TYR B 276 -2.91 15.94 11.71
N ARG B 277 -2.61 16.89 10.83
CA ARG B 277 -2.93 16.79 9.41
C ARG B 277 -1.77 16.00 8.82
N TYR B 278 -2.01 14.79 8.33
CA TYR B 278 -0.91 14.01 7.78
C TYR B 278 -0.76 14.14 6.28
N VAL B 279 -1.83 14.59 5.62
CA VAL B 279 -1.79 14.78 4.18
C VAL B 279 -1.23 16.18 3.96
N GLN B 280 -0.27 16.31 3.07
CA GLN B 280 0.31 17.63 2.84
C GLN B 280 -0.09 18.33 1.54
N LEU B 281 0.35 19.57 1.44
CA LEU B 281 0.07 20.43 0.30
C LEU B 281 0.92 20.12 -0.93
N ALA B 282 0.28 20.05 -2.10
CA ALA B 282 0.98 19.77 -3.34
C ALA B 282 1.95 20.91 -3.63
N PRO B 283 3.27 20.61 -3.63
CA PRO B 283 4.31 21.61 -3.90
C PRO B 283 4.04 22.43 -5.16
N VAL B 284 4.61 23.63 -5.22
CA VAL B 284 4.42 24.50 -6.38
C VAL B 284 4.92 23.83 -7.66
N GLY B 285 4.09 23.86 -8.70
CA GLY B 285 4.45 23.25 -9.96
C GLY B 285 3.90 21.85 -10.16
N MET B 286 3.47 21.23 -9.06
CA MET B 286 2.91 19.88 -9.08
C MET B 286 2.08 19.58 -10.33
#